data_2E8U
#
_entry.id   2E8U
#
_cell.length_a   82.236
_cell.length_b   47.707
_cell.length_c   91.831
_cell.angle_alpha   90.00
_cell.angle_beta   110.71
_cell.angle_gamma   90.00
#
_symmetry.space_group_name_H-M   'P 1 21 1'
#
loop_
_entity.id
_entity.type
_entity.pdbx_description
1 polymer 'Geranylgeranyl pyrophosphate synthetase'
2 non-polymer 'MAGNESIUM ION'
3 non-polymer '3-METHYLBUT-3-ENYL TRIHYDROGEN DIPHOSPHATE'
4 water water
#
_entity_poly.entity_id   1
_entity_poly.type   'polypeptide(L)'
_entity_poly.pdbx_seq_one_letter_code
;MTKNKMEAKIDELINNDPVWSSQNESLISKPYNHILLKPGKNFRLNLIVQINRVMNLPKDQLAIVSQIVELLHNSSLLID
DIEDNAPLRRGQTTSHLIFGVPSTINTANYMYFRAMQLVSQLTTKEPLYHNLITIFNEELINLHRGQGLDIYWRDFLPEI
IPTQEMYLNMVMNKTGGLFRLTLRLMEALSPSSHHGHSLVPFINLLGIIYQIRDDYLNLKDFQMSSEKGFAEDITEGKLS
FPIVHALNFTKTKGQTEQHNEILRILLLRTSDKDIKLKLIQILEFDTNSLAYTKNFINQLVNMIKNDNENKYLPDLASHS
DTATNLHDELLYIIDHLSEL
;
_entity_poly.pdbx_strand_id   A,B
#
loop_
_chem_comp.id
_chem_comp.type
_chem_comp.name
_chem_comp.formula
IPE non-polymer '3-METHYLBUT-3-ENYL TRIHYDROGEN DIPHOSPHATE' 'C5 H12 O7 P2'
MG non-polymer 'MAGNESIUM ION' 'Mg 2'
#
# COMPACT_ATOMS: atom_id res chain seq x y z
N ASN A 4 6.84 -36.00 -14.98
CA ASN A 4 8.12 -35.38 -15.41
C ASN A 4 7.98 -34.24 -16.40
N LYS A 5 7.03 -34.36 -17.32
CA LYS A 5 6.83 -33.29 -18.30
C LYS A 5 6.49 -32.07 -17.46
N MET A 6 5.91 -32.35 -16.30
CA MET A 6 5.52 -31.34 -15.32
C MET A 6 6.72 -30.90 -14.49
N GLU A 7 7.53 -31.88 -14.15
CA GLU A 7 8.73 -31.69 -13.37
C GLU A 7 9.59 -30.66 -14.13
N ALA A 8 9.68 -30.85 -15.45
CA ALA A 8 10.46 -29.98 -16.31
C ALA A 8 9.99 -28.54 -16.25
N LYS A 9 8.70 -28.34 -16.41
CA LYS A 9 8.16 -27.01 -16.40
C LYS A 9 8.35 -26.32 -15.04
N ILE A 10 8.17 -27.08 -13.96
CA ILE A 10 8.34 -26.54 -12.61
C ILE A 10 9.80 -26.11 -12.42
N ASP A 11 10.67 -26.99 -12.87
CA ASP A 11 12.09 -26.83 -12.78
C ASP A 11 12.43 -25.59 -13.55
N GLU A 12 11.89 -25.45 -14.73
CA GLU A 12 12.16 -24.23 -15.45
C GLU A 12 11.56 -23.00 -14.72
N LEU A 13 10.36 -23.18 -14.21
CA LEU A 13 9.73 -22.07 -13.46
C LEU A 13 10.58 -21.61 -12.27
N ILE A 14 11.01 -22.54 -11.43
CA ILE A 14 11.73 -22.11 -10.22
C ILE A 14 13.19 -21.68 -10.40
N ASN A 15 13.79 -22.06 -11.52
CA ASN A 15 15.18 -21.67 -11.76
C ASN A 15 15.31 -20.35 -12.49
N ASN A 16 14.19 -19.71 -12.80
CA ASN A 16 14.21 -18.44 -13.51
C ASN A 16 13.55 -17.27 -12.72
N ASP A 17 13.80 -16.05 -13.17
CA ASP A 17 13.21 -14.87 -12.56
C ASP A 17 11.74 -15.00 -12.87
N PRO A 18 10.88 -14.43 -12.00
CA PRO A 18 9.44 -14.55 -12.28
C PRO A 18 9.05 -13.96 -13.65
N VAL A 19 8.09 -14.61 -14.31
CA VAL A 19 7.67 -14.16 -15.61
C VAL A 19 6.71 -12.98 -15.54
N TRP A 20 6.99 -11.93 -16.30
CA TRP A 20 6.10 -10.78 -16.35
C TRP A 20 6.07 -10.18 -17.76
N SER A 21 4.93 -10.16 -18.43
CA SER A 21 4.81 -9.52 -19.78
C SER A 21 4.38 -8.06 -19.85
N SER A 22 4.54 -7.48 -21.04
CA SER A 22 4.08 -6.10 -21.28
C SER A 22 2.53 -6.09 -21.21
N GLN A 23 1.85 -7.17 -21.60
CA GLN A 23 0.37 -7.17 -21.49
C GLN A 23 0.01 -7.05 -19.99
N ASN A 24 0.66 -7.90 -19.15
CA ASN A 24 0.45 -7.89 -17.67
C ASN A 24 0.67 -6.49 -17.12
N GLU A 25 1.78 -5.85 -17.50
CA GLU A 25 2.08 -4.48 -17.06
C GLU A 25 0.89 -3.55 -17.38
N SER A 26 0.39 -3.64 -18.62
CA SER A 26 -0.76 -2.82 -19.02
C SER A 26 -2.04 -3.13 -18.22
N LEU A 27 -2.39 -4.40 -18.11
CA LEU A 27 -3.60 -4.69 -17.39
C LEU A 27 -3.58 -4.14 -15.95
N ILE A 28 -2.47 -4.22 -15.24
CA ILE A 28 -2.50 -3.73 -13.87
C ILE A 28 -2.23 -2.24 -13.74
N SER A 29 -1.88 -1.57 -14.83
CA SER A 29 -1.63 -0.14 -14.70
C SER A 29 -2.89 0.67 -14.93
N LYS A 30 -4.01 0.02 -15.20
CA LYS A 30 -5.26 0.77 -15.49
C LYS A 30 -5.62 1.92 -14.58
N PRO A 31 -5.64 1.68 -13.24
CA PRO A 31 -6.00 2.81 -12.34
C PRO A 31 -5.04 4.03 -12.48
N TYR A 32 -3.77 3.75 -12.72
CA TYR A 32 -2.78 4.77 -12.83
C TYR A 32 -2.89 5.53 -14.19
N ASN A 33 -3.15 4.80 -15.27
CA ASN A 33 -3.27 5.43 -16.60
C ASN A 33 -4.49 6.33 -16.62
N HIS A 34 -5.51 5.92 -15.88
CA HIS A 34 -6.73 6.74 -15.75
C HIS A 34 -6.48 8.09 -15.07
N ILE A 35 -5.75 8.13 -13.96
CA ILE A 35 -5.55 9.44 -13.32
C ILE A 35 -4.56 10.25 -14.17
N LEU A 36 -3.68 9.56 -14.89
CA LEU A 36 -2.75 10.25 -15.76
C LEU A 36 -3.51 11.03 -16.85
N LEU A 37 -4.79 10.67 -17.08
CA LEU A 37 -5.64 11.38 -18.04
C LEU A 37 -5.95 12.81 -17.60
N LYS A 38 -6.09 13.03 -16.31
CA LYS A 38 -6.36 14.36 -15.77
C LYS A 38 -5.18 15.35 -16.00
N LEU A 45 5.38 20.48 -11.54
CA LEU A 45 6.34 20.37 -12.66
C LEU A 45 6.96 21.73 -12.85
N ASN A 46 6.13 22.68 -13.28
CA ASN A 46 6.58 24.03 -13.52
C ASN A 46 7.49 24.42 -12.36
N LEU A 47 7.08 24.05 -11.16
CA LEU A 47 7.85 24.35 -9.95
C LEU A 47 9.27 23.77 -10.05
N ILE A 48 9.40 22.60 -10.65
CA ILE A 48 10.71 21.97 -10.78
C ILE A 48 11.56 22.73 -11.79
N VAL A 49 10.97 23.06 -12.92
CA VAL A 49 11.71 23.78 -13.93
C VAL A 49 12.20 25.07 -13.31
N GLN A 50 11.30 25.82 -12.70
CA GLN A 50 11.69 27.05 -12.05
C GLN A 50 12.79 26.83 -10.99
N ILE A 51 12.54 25.98 -10.01
CA ILE A 51 13.54 25.74 -8.95
C ILE A 51 14.91 25.34 -9.49
N ASN A 52 14.95 24.81 -10.71
CA ASN A 52 16.22 24.41 -11.31
C ASN A 52 17.13 25.59 -11.62
N ARG A 53 16.54 26.70 -12.07
CA ARG A 53 17.30 27.93 -12.39
C ARG A 53 18.48 28.11 -11.43
N VAL A 54 18.29 27.64 -10.20
CA VAL A 54 19.27 27.71 -9.11
C VAL A 54 20.08 26.42 -8.90
N MET A 55 19.35 25.31 -8.83
CA MET A 55 19.92 23.98 -8.61
C MET A 55 20.86 23.57 -9.74
N ASN A 56 20.48 23.97 -10.93
CA ASN A 56 21.23 23.70 -12.15
C ASN A 56 21.51 22.23 -12.47
N LEU A 57 20.45 21.45 -12.60
CA LEU A 57 20.56 20.03 -12.94
C LEU A 57 20.50 19.83 -14.46
N PRO A 58 21.29 18.88 -14.99
CA PRO A 58 21.25 18.64 -16.44
C PRO A 58 19.84 18.13 -16.82
N LYS A 59 19.50 18.23 -18.10
CA LYS A 59 18.17 17.86 -18.53
C LYS A 59 17.65 16.44 -18.32
N ASP A 60 18.45 15.44 -18.66
CA ASP A 60 18.00 14.07 -18.51
C ASP A 60 17.84 13.68 -17.02
N GLN A 61 18.60 14.33 -16.17
CA GLN A 61 18.51 14.06 -14.76
C GLN A 61 17.23 14.74 -14.25
N LEU A 62 17.02 15.98 -14.69
CA LEU A 62 15.86 16.72 -14.30
C LEU A 62 14.57 15.98 -14.72
N ALA A 63 14.61 15.35 -15.88
CA ALA A 63 13.49 14.60 -16.37
C ALA A 63 13.23 13.35 -15.51
N ILE A 64 14.26 12.80 -14.90
CA ILE A 64 14.08 11.64 -14.05
C ILE A 64 13.42 12.07 -12.74
N VAL A 65 13.90 13.17 -12.14
CA VAL A 65 13.31 13.71 -10.91
C VAL A 65 11.84 13.92 -11.16
N SER A 66 11.55 14.49 -12.31
CA SER A 66 10.23 14.77 -12.76
C SER A 66 9.34 13.52 -12.87
N GLN A 67 9.85 12.45 -13.46
CA GLN A 67 9.06 11.22 -13.56
C GLN A 67 8.82 10.66 -12.14
N ILE A 68 9.82 10.76 -11.28
CA ILE A 68 9.69 10.27 -9.92
C ILE A 68 8.59 10.96 -9.13
N VAL A 69 8.58 12.29 -9.11
CA VAL A 69 7.59 13.02 -8.33
C VAL A 69 6.22 12.84 -8.93
N GLU A 70 6.19 12.63 -10.25
CA GLU A 70 4.92 12.44 -10.90
C GLU A 70 4.28 11.13 -10.44
N LEU A 71 5.07 10.04 -10.42
CA LEU A 71 4.61 8.74 -10.00
C LEU A 71 4.08 8.83 -8.52
N LEU A 72 4.87 9.49 -7.68
CA LEU A 72 4.55 9.61 -6.27
C LEU A 72 3.33 10.47 -6.03
N HIS A 73 3.28 11.61 -6.72
CA HIS A 73 2.13 12.48 -6.62
C HIS A 73 0.85 11.80 -7.08
N ASN A 74 0.83 11.22 -8.26
CA ASN A 74 -0.40 10.58 -8.69
C ASN A 74 -0.83 9.39 -7.85
N SER A 75 0.14 8.60 -7.44
CA SER A 75 -0.11 7.38 -6.67
C SER A 75 -0.74 7.74 -5.36
N SER A 76 -0.16 8.74 -4.73
CA SER A 76 -0.68 9.18 -3.43
C SER A 76 -2.11 9.78 -3.62
N LEU A 77 -2.42 10.38 -4.77
CA LEU A 77 -3.80 10.84 -4.92
C LEU A 77 -4.72 9.64 -5.12
N LEU A 78 -4.31 8.66 -5.90
CA LEU A 78 -5.18 7.50 -6.07
C LEU A 78 -5.58 6.94 -4.66
N ILE A 79 -4.62 6.87 -3.73
CA ILE A 79 -4.87 6.31 -2.39
C ILE A 79 -5.69 7.27 -1.53
N ASP A 80 -5.30 8.53 -1.59
CA ASP A 80 -5.97 9.53 -0.84
C ASP A 80 -7.47 9.57 -1.19
N ASP A 81 -7.79 9.39 -2.48
CA ASP A 81 -9.17 9.42 -2.88
C ASP A 81 -9.95 8.23 -2.34
N ILE A 82 -9.30 7.09 -2.15
CA ILE A 82 -9.99 5.90 -1.57
C ILE A 82 -10.20 6.28 -0.09
N GLU A 83 -9.15 6.76 0.55
CA GLU A 83 -9.21 7.17 1.98
C GLU A 83 -10.27 8.23 2.24
N ASP A 84 -10.49 9.11 1.28
CA ASP A 84 -11.43 10.22 1.48
C ASP A 84 -12.80 10.00 0.86
N ASN A 85 -13.03 8.77 0.40
CA ASN A 85 -14.28 8.40 -0.22
C ASN A 85 -14.62 9.43 -1.35
N ALA A 86 -13.62 9.87 -2.10
CA ALA A 86 -13.87 10.88 -3.10
C ALA A 86 -14.47 10.38 -4.44
N PRO A 87 -15.53 11.02 -4.91
CA PRO A 87 -16.15 10.63 -6.19
C PRO A 87 -15.47 11.27 -7.40
N LEU A 88 -14.78 12.38 -7.17
CA LEU A 88 -14.18 13.11 -8.30
C LEU A 88 -12.78 13.57 -8.05
N ARG A 89 -11.95 13.63 -9.09
CA ARG A 89 -10.60 14.14 -8.94
C ARG A 89 -10.30 14.78 -10.29
N ARG A 90 -9.88 16.02 -10.28
CA ARG A 90 -9.58 16.76 -11.49
C ARG A 90 -10.75 16.80 -12.44
N GLY A 91 -11.96 16.86 -11.89
CA GLY A 91 -13.14 16.88 -12.76
C GLY A 91 -13.68 15.53 -13.20
N GLN A 92 -12.95 14.43 -12.98
CA GLN A 92 -13.50 13.13 -13.39
C GLN A 92 -13.60 12.09 -12.27
N THR A 93 -14.39 11.07 -12.53
CA THR A 93 -14.59 9.98 -11.64
C THR A 93 -13.24 9.44 -11.18
N THR A 94 -13.17 9.19 -9.88
CA THR A 94 -11.99 8.63 -9.30
C THR A 94 -11.74 7.20 -9.77
N SER A 95 -10.48 6.81 -9.83
CA SER A 95 -10.21 5.46 -10.30
C SER A 95 -10.84 4.30 -9.53
N HIS A 96 -10.93 4.45 -8.22
CA HIS A 96 -11.43 3.35 -7.42
C HIS A 96 -12.88 3.10 -7.68
N LEU A 97 -13.64 4.10 -8.14
CA LEU A 97 -15.04 3.87 -8.45
C LEU A 97 -15.13 3.12 -9.78
N ILE A 98 -14.10 3.19 -10.62
CA ILE A 98 -14.24 2.48 -11.89
C ILE A 98 -13.57 1.14 -11.81
N PHE A 99 -12.32 1.12 -11.36
CA PHE A 99 -11.59 -0.15 -11.29
C PHE A 99 -11.72 -0.91 -9.96
N GLY A 100 -12.30 -0.25 -8.95
CA GLY A 100 -12.49 -0.87 -7.63
C GLY A 100 -11.34 -0.53 -6.69
N VAL A 101 -11.63 -0.52 -5.40
CA VAL A 101 -10.60 -0.26 -4.41
C VAL A 101 -9.39 -1.23 -4.47
N PRO A 102 -9.63 -2.56 -4.60
CA PRO A 102 -8.52 -3.55 -4.63
C PRO A 102 -7.46 -3.25 -5.69
N SER A 103 -7.89 -3.13 -6.95
CA SER A 103 -6.93 -2.85 -8.02
C SER A 103 -6.21 -1.52 -7.81
N THR A 104 -6.97 -0.51 -7.46
CA THR A 104 -6.41 0.83 -7.28
C THR A 104 -5.35 0.92 -6.20
N ILE A 105 -5.61 0.34 -5.04
CA ILE A 105 -4.60 0.35 -4.00
C ILE A 105 -3.34 -0.41 -4.48
N ASN A 106 -3.55 -1.59 -5.06
CA ASN A 106 -2.36 -2.37 -5.43
C ASN A 106 -1.53 -1.63 -6.53
N THR A 107 -2.20 -1.04 -7.50
CA THR A 107 -1.50 -0.33 -8.55
C THR A 107 -0.80 0.91 -7.96
N ALA A 108 -1.51 1.67 -7.07
CA ALA A 108 -0.82 2.87 -6.53
C ALA A 108 0.42 2.43 -5.77
N ASN A 109 0.27 1.38 -4.98
CA ASN A 109 1.45 0.89 -4.23
C ASN A 109 2.61 0.42 -5.20
N TYR A 110 2.23 -0.27 -6.27
CA TYR A 110 3.21 -0.72 -7.25
C TYR A 110 4.05 0.47 -7.77
N MET A 111 3.38 1.59 -8.06
CA MET A 111 4.02 2.79 -8.62
C MET A 111 4.94 3.49 -7.61
N TYR A 112 4.64 3.36 -6.31
CA TYR A 112 5.57 3.89 -5.32
C TYR A 112 6.90 3.14 -5.49
N PHE A 113 6.84 1.83 -5.73
CA PHE A 113 8.08 1.07 -5.86
C PHE A 113 8.76 1.28 -7.22
N ARG A 114 7.98 1.59 -8.25
CA ARG A 114 8.52 1.91 -9.57
C ARG A 114 9.26 3.22 -9.38
N ALA A 115 8.63 4.14 -8.64
CA ALA A 115 9.30 5.40 -8.41
C ALA A 115 10.66 5.15 -7.73
N MET A 116 10.65 4.35 -6.67
CA MET A 116 11.89 4.05 -5.96
C MET A 116 12.96 3.48 -6.90
N GLN A 117 12.54 2.65 -7.83
CA GLN A 117 13.45 2.06 -8.78
C GLN A 117 14.16 3.15 -9.60
N LEU A 118 13.42 4.17 -10.02
CA LEU A 118 14.01 5.24 -10.79
C LEU A 118 15.15 6.03 -10.09
N VAL A 119 15.17 6.02 -8.76
CA VAL A 119 16.22 6.76 -8.09
C VAL A 119 17.61 6.31 -8.49
N SER A 120 17.81 5.01 -8.69
CA SER A 120 19.13 4.51 -9.05
C SER A 120 19.57 5.02 -10.45
N GLN A 121 18.63 5.53 -11.25
CA GLN A 121 18.98 6.03 -12.56
C GLN A 121 19.55 7.44 -12.46
N LEU A 122 19.51 7.99 -11.27
CA LEU A 122 20.03 9.32 -11.05
C LEU A 122 21.55 9.27 -10.82
N THR A 123 22.04 8.26 -10.08
CA THR A 123 23.48 8.14 -9.86
C THR A 123 23.92 6.74 -9.51
N THR A 124 25.23 6.63 -9.37
CA THR A 124 25.87 5.40 -9.00
C THR A 124 26.82 5.77 -7.84
N LYS A 125 27.23 7.05 -7.78
CA LYS A 125 28.11 7.51 -6.70
C LYS A 125 27.44 7.13 -5.39
N GLU A 126 27.95 6.08 -4.75
CA GLU A 126 27.37 5.55 -3.53
C GLU A 126 27.06 6.59 -2.45
N PRO A 127 28.02 7.47 -2.14
CA PRO A 127 27.71 8.48 -1.12
C PRO A 127 26.37 9.15 -1.49
N LEU A 128 26.33 9.70 -2.71
CA LEU A 128 25.16 10.39 -3.23
C LEU A 128 23.89 9.53 -3.27
N TYR A 129 23.98 8.34 -3.87
CA TYR A 129 22.83 7.46 -3.98
C TYR A 129 22.12 7.24 -2.64
N HIS A 130 22.90 6.87 -1.63
CA HIS A 130 22.41 6.63 -0.29
C HIS A 130 21.64 7.84 0.22
N ASN A 131 22.13 9.02 -0.11
CA ASN A 131 21.48 10.20 0.36
C ASN A 131 20.17 10.42 -0.39
N LEU A 132 20.15 10.12 -1.68
CA LEU A 132 18.96 10.26 -2.45
C LEU A 132 17.89 9.28 -1.93
N ILE A 133 18.29 8.07 -1.59
CA ILE A 133 17.38 7.10 -1.06
C ILE A 133 16.82 7.50 0.31
N THR A 134 17.65 8.11 1.14
CA THR A 134 17.23 8.49 2.46
C THR A 134 16.15 9.59 2.32
N ILE A 135 16.38 10.49 1.38
CA ILE A 135 15.47 11.58 1.09
C ILE A 135 14.11 11.03 0.69
N PHE A 136 14.14 10.07 -0.24
CA PHE A 136 12.95 9.42 -0.76
C PHE A 136 12.23 8.73 0.40
N ASN A 137 12.97 7.95 1.17
CA ASN A 137 12.39 7.22 2.28
C ASN A 137 11.86 8.13 3.43
N GLU A 138 12.63 9.15 3.79
CA GLU A 138 12.25 10.10 4.84
C GLU A 138 10.96 10.88 4.55
N GLU A 139 10.88 11.46 3.39
CA GLU A 139 9.72 12.23 3.07
C GLU A 139 8.47 11.35 2.79
N LEU A 140 8.66 10.09 2.39
CA LEU A 140 7.51 9.24 2.17
C LEU A 140 6.97 8.84 3.55
N ILE A 141 7.86 8.67 4.50
CA ILE A 141 7.49 8.35 5.87
C ILE A 141 6.69 9.56 6.44
N ASN A 142 7.21 10.76 6.16
CA ASN A 142 6.57 11.99 6.61
C ASN A 142 5.15 12.13 6.02
N LEU A 143 5.01 11.88 4.71
CA LEU A 143 3.70 11.96 4.07
C LEU A 143 2.71 11.00 4.73
N HIS A 144 3.14 9.80 5.08
CA HIS A 144 2.23 8.84 5.69
C HIS A 144 1.87 9.20 7.15
N ARG A 145 2.80 9.83 7.85
CA ARG A 145 2.55 10.27 9.22
C ARG A 145 1.44 11.38 9.12
N GLY A 146 1.62 12.34 8.22
CA GLY A 146 0.65 13.39 8.04
C GLY A 146 -0.72 12.86 7.68
N GLN A 147 -0.73 12.00 6.66
CA GLN A 147 -1.96 11.43 6.21
C GLN A 147 -2.65 10.68 7.35
N GLY A 148 -1.89 9.89 8.10
CA GLY A 148 -2.43 9.13 9.19
C GLY A 148 -3.17 9.99 10.22
N LEU A 149 -2.67 11.16 10.56
CA LEU A 149 -3.38 12.00 11.54
C LEU A 149 -4.66 12.62 10.91
N ASP A 150 -4.54 13.15 9.70
CA ASP A 150 -5.69 13.73 8.96
C ASP A 150 -6.82 12.74 9.03
N ILE A 151 -6.52 11.51 8.69
CA ILE A 151 -7.49 10.47 8.68
C ILE A 151 -7.98 10.08 10.08
N TYR A 152 -7.05 9.90 11.01
CA TYR A 152 -7.43 9.51 12.38
C TYR A 152 -8.35 10.56 13.01
N TRP A 153 -7.93 11.80 13.02
CA TRP A 153 -8.80 12.82 13.61
C TRP A 153 -10.22 12.83 13.02
N ARG A 154 -10.27 12.64 11.71
CA ARG A 154 -11.53 12.66 11.01
C ARG A 154 -12.40 11.45 11.28
N ASP A 155 -11.80 10.25 11.23
CA ASP A 155 -12.61 9.06 11.36
C ASP A 155 -12.92 8.73 12.81
N PHE A 156 -12.19 9.35 13.72
CA PHE A 156 -12.48 9.13 15.16
C PHE A 156 -13.07 10.33 15.91
N LEU A 157 -13.48 11.33 15.14
CA LEU A 157 -14.07 12.55 15.71
C LEU A 157 -15.26 12.11 16.54
N PRO A 158 -15.50 12.75 17.69
CA PRO A 158 -14.73 13.85 18.28
C PRO A 158 -13.69 13.36 19.32
N GLU A 159 -13.15 12.14 19.16
CA GLU A 159 -12.15 11.70 20.12
C GLU A 159 -11.05 12.73 20.26
N ILE A 160 -10.68 13.36 19.16
CA ILE A 160 -9.62 14.34 19.24
C ILE A 160 -9.93 15.58 18.41
N ILE A 161 -9.96 16.72 19.08
CA ILE A 161 -10.22 17.98 18.43
C ILE A 161 -8.88 18.64 18.33
N PRO A 162 -8.30 18.72 17.12
CA PRO A 162 -7.01 19.37 16.96
C PRO A 162 -7.04 20.86 17.10
N THR A 163 -5.91 21.38 17.53
CA THR A 163 -5.70 22.79 17.70
C THR A 163 -5.00 23.20 16.43
N GLN A 164 -4.93 24.50 16.18
CA GLN A 164 -4.26 25.02 15.01
C GLN A 164 -2.81 24.53 14.94
N GLU A 165 -2.16 24.41 16.10
CA GLU A 165 -0.76 23.96 16.08
C GLU A 165 -0.68 22.48 15.60
N MET A 166 -1.57 21.63 16.10
CA MET A 166 -1.54 20.26 15.67
C MET A 166 -1.79 20.08 14.18
N TYR A 167 -2.58 20.99 13.61
CA TYR A 167 -2.96 20.95 12.20
C TYR A 167 -1.80 21.33 11.32
N LEU A 168 -1.06 22.31 11.81
CA LEU A 168 0.08 22.83 11.09
C LEU A 168 1.18 21.77 11.06
N ASN A 169 1.33 21.05 12.17
CA ASN A 169 2.31 19.97 12.25
C ASN A 169 1.85 18.83 11.33
N MET A 170 0.56 18.50 11.34
CA MET A 170 0.06 17.45 10.44
C MET A 170 0.40 17.80 8.96
N VAL A 171 0.15 19.05 8.59
CA VAL A 171 0.37 19.53 7.25
C VAL A 171 1.85 19.54 6.89
N MET A 172 2.68 19.87 7.88
CA MET A 172 4.12 19.87 7.68
C MET A 172 4.53 18.45 7.23
N ASN A 173 3.91 17.44 7.84
CA ASN A 173 4.18 16.06 7.52
C ASN A 173 3.58 15.67 6.17
N LYS A 174 2.26 15.77 6.10
CA LYS A 174 1.45 15.39 4.96
C LYS A 174 1.68 16.08 3.62
N THR A 175 1.67 17.41 3.60
CA THR A 175 1.81 18.17 2.37
C THR A 175 3.24 18.54 2.14
N GLY A 176 3.95 18.79 3.25
CA GLY A 176 5.35 19.13 3.21
C GLY A 176 6.22 17.99 2.65
N GLY A 177 5.81 16.75 2.90
CA GLY A 177 6.54 15.60 2.42
C GLY A 177 6.99 15.66 0.97
N LEU A 178 6.04 15.74 0.04
CA LEU A 178 6.38 15.79 -1.36
C LEU A 178 7.03 17.07 -1.84
N PHE A 179 6.70 18.21 -1.24
CA PHE A 179 7.37 19.45 -1.64
C PHE A 179 8.84 19.33 -1.23
N ARG A 180 9.08 18.82 -0.03
CA ARG A 180 10.44 18.63 0.50
C ARG A 180 11.18 17.53 -0.23
N LEU A 181 10.49 16.44 -0.59
CA LEU A 181 11.14 15.37 -1.36
C LEU A 181 11.74 15.94 -2.66
N THR A 182 10.93 16.69 -3.41
CA THR A 182 11.35 17.26 -4.68
C THR A 182 12.53 18.21 -4.56
N LEU A 183 12.42 19.17 -3.65
CA LEU A 183 13.46 20.16 -3.45
C LEU A 183 14.74 19.48 -2.97
N ARG A 184 14.60 18.55 -2.02
CA ARG A 184 15.75 17.84 -1.46
C ARG A 184 16.47 16.94 -2.43
N LEU A 185 15.75 16.32 -3.37
CA LEU A 185 16.39 15.50 -4.38
C LEU A 185 17.22 16.43 -5.25
N MET A 186 16.62 17.55 -5.65
CA MET A 186 17.28 18.55 -6.47
C MET A 186 18.49 19.21 -5.76
N GLU A 187 18.35 19.60 -4.50
CA GLU A 187 19.47 20.22 -3.84
C GLU A 187 20.61 19.26 -3.78
N ALA A 188 20.32 18.02 -3.43
CA ALA A 188 21.38 17.03 -3.30
C ALA A 188 22.01 16.66 -4.62
N LEU A 189 21.30 16.85 -5.72
CA LEU A 189 21.87 16.48 -7.00
C LEU A 189 22.64 17.65 -7.60
N SER A 190 22.33 18.84 -7.08
CA SER A 190 22.96 20.05 -7.56
C SER A 190 24.37 20.30 -7.10
N PRO A 191 25.23 20.75 -8.02
CA PRO A 191 26.62 21.05 -7.68
C PRO A 191 26.67 22.21 -6.66
N SER A 192 25.50 22.83 -6.40
CA SER A 192 25.31 23.92 -5.42
C SER A 192 25.16 25.31 -6.04
N HIS A 197 22.29 28.74 1.68
CA HIS A 197 21.32 28.03 2.57
C HIS A 197 20.22 27.24 1.83
N SER A 198 19.70 26.22 2.51
CA SER A 198 18.65 25.35 1.98
C SER A 198 17.33 26.06 1.73
N LEU A 199 16.51 25.51 0.83
CA LEU A 199 15.21 26.08 0.53
C LEU A 199 14.08 25.35 1.22
N VAL A 200 14.47 24.42 2.07
CA VAL A 200 13.50 23.63 2.81
C VAL A 200 12.54 24.47 3.66
N PRO A 201 13.03 25.46 4.42
CA PRO A 201 12.06 26.24 5.20
C PRO A 201 11.10 26.97 4.24
N PHE A 202 11.63 27.41 3.12
CA PHE A 202 10.80 28.09 2.14
C PHE A 202 9.77 27.18 1.51
N ILE A 203 10.19 25.95 1.22
CA ILE A 203 9.30 25.01 0.58
C ILE A 203 8.25 24.62 1.62
N ASN A 204 8.64 24.61 2.90
CA ASN A 204 7.73 24.27 3.96
C ASN A 204 6.60 25.28 4.06
N LEU A 205 6.97 26.55 4.11
CA LEU A 205 5.96 27.57 4.19
C LEU A 205 5.11 27.50 2.92
N LEU A 206 5.73 27.23 1.77
CA LEU A 206 4.97 27.15 0.53
C LEU A 206 3.94 26.00 0.47
N GLY A 207 4.23 24.93 1.20
CA GLY A 207 3.31 23.80 1.21
C GLY A 207 2.20 24.08 2.21
N ILE A 208 2.52 24.74 3.32
CA ILE A 208 1.52 25.06 4.32
C ILE A 208 0.45 25.95 3.69
N ILE A 209 0.91 26.86 2.86
CA ILE A 209 0.04 27.79 2.17
C ILE A 209 -0.90 27.13 1.17
N TYR A 210 -0.30 26.26 0.39
CA TYR A 210 -0.93 25.47 -0.65
C TYR A 210 -2.08 24.62 -0.04
N GLN A 211 -1.76 23.97 1.07
CA GLN A 211 -2.74 23.12 1.75
C GLN A 211 -3.89 23.96 2.38
N ILE A 212 -3.58 25.08 3.05
CA ILE A 212 -4.63 25.85 3.66
C ILE A 212 -5.51 26.42 2.54
N ARG A 213 -4.89 26.81 1.43
CA ARG A 213 -5.66 27.34 0.30
C ARG A 213 -6.58 26.26 -0.33
N ASP A 214 -6.08 25.02 -0.43
CA ASP A 214 -6.88 23.92 -0.96
C ASP A 214 -8.12 23.81 -0.03
N ASP A 215 -7.89 23.80 1.28
CA ASP A 215 -8.95 23.73 2.29
C ASP A 215 -9.97 24.88 2.13
N TYR A 216 -9.45 26.10 2.05
CA TYR A 216 -10.25 27.30 1.89
C TYR A 216 -11.07 27.26 0.61
N LEU A 217 -10.41 27.07 -0.52
CA LEU A 217 -11.11 27.05 -1.79
C LEU A 217 -12.18 25.93 -1.91
N ASN A 218 -11.99 24.80 -1.24
CA ASN A 218 -13.02 23.77 -1.29
C ASN A 218 -14.36 24.34 -0.79
N LEU A 219 -14.33 25.23 0.21
CA LEU A 219 -15.57 25.81 0.73
C LEU A 219 -16.00 27.09 0.02
N LYS A 220 -15.06 28.00 -0.23
CA LYS A 220 -15.41 29.28 -0.83
C LYS A 220 -15.95 29.15 -2.26
N ASP A 221 -15.40 28.28 -3.10
CA ASP A 221 -15.98 28.16 -4.44
C ASP A 221 -17.43 27.65 -4.40
N PHE A 222 -17.79 27.04 -3.27
CA PHE A 222 -19.14 26.51 -3.08
C PHE A 222 -20.02 27.67 -2.60
N GLN A 223 -19.54 28.42 -1.62
CA GLN A 223 -20.28 29.55 -1.09
C GLN A 223 -20.65 30.59 -2.17
N MET A 224 -19.79 30.76 -3.17
CA MET A 224 -20.05 31.71 -4.26
C MET A 224 -20.89 31.04 -5.36
N SER A 225 -20.56 29.79 -5.69
CA SER A 225 -21.32 29.06 -6.71
C SER A 225 -21.35 27.57 -6.40
N PHE A 230 -18.50 21.76 -4.83
CA PHE A 230 -19.20 20.61 -4.20
C PHE A 230 -19.06 20.61 -2.67
N ALA A 231 -18.10 21.38 -2.15
CA ALA A 231 -17.75 21.43 -0.73
C ALA A 231 -17.62 19.98 -0.20
N GLU A 232 -16.98 19.14 -0.99
CA GLU A 232 -16.75 17.74 -0.71
C GLU A 232 -16.03 17.47 0.58
N ASP A 233 -15.15 18.39 0.98
CA ASP A 233 -14.46 18.19 2.24
C ASP A 233 -15.49 18.08 3.36
N ILE A 234 -16.66 18.69 3.18
CA ILE A 234 -17.65 18.61 4.25
C ILE A 234 -18.26 17.22 4.29
N THR A 235 -18.47 16.66 3.11
CA THR A 235 -19.02 15.31 3.02
C THR A 235 -17.97 14.32 3.58
N GLU A 236 -16.69 14.65 3.43
CA GLU A 236 -15.62 13.78 3.93
C GLU A 236 -15.53 13.85 5.46
N GLY A 237 -15.88 15.01 6.02
CA GLY A 237 -15.82 15.20 7.46
C GLY A 237 -14.43 15.65 7.85
N LYS A 238 -13.74 16.26 6.90
CA LYS A 238 -12.35 16.69 7.05
C LYS A 238 -12.08 17.79 8.05
N LEU A 239 -11.02 17.62 8.82
CA LEU A 239 -10.66 18.64 9.80
C LEU A 239 -9.76 19.62 9.08
N SER A 240 -10.38 20.41 8.20
CA SER A 240 -9.67 21.39 7.39
C SER A 240 -9.21 22.59 8.21
N PHE A 241 -8.40 23.48 7.64
CA PHE A 241 -8.00 24.63 8.45
C PHE A 241 -9.18 25.48 9.01
N PRO A 242 -10.17 25.83 8.19
CA PRO A 242 -11.31 26.65 8.73
C PRO A 242 -12.15 25.88 9.76
N ILE A 243 -12.29 24.56 9.56
CA ILE A 243 -13.06 23.76 10.50
C ILE A 243 -12.35 23.73 11.87
N VAL A 244 -11.03 23.53 11.85
CA VAL A 244 -10.22 23.52 13.09
C VAL A 244 -10.35 24.84 13.82
N HIS A 245 -10.30 25.96 13.11
CA HIS A 245 -10.45 27.27 13.75
C HIS A 245 -11.86 27.36 14.36
N ALA A 246 -12.87 26.97 13.58
CA ALA A 246 -14.24 27.03 14.02
C ALA A 246 -14.51 26.19 15.26
N LEU A 247 -13.92 25.00 15.30
CA LEU A 247 -14.15 24.12 16.41
C LEU A 247 -13.46 24.64 17.66
N ASN A 248 -12.29 25.29 17.53
CA ASN A 248 -11.62 25.80 18.73
C ASN A 248 -12.22 27.14 19.16
N PHE A 249 -12.63 27.94 18.21
CA PHE A 249 -13.29 29.22 18.48
C PHE A 249 -14.57 28.97 19.29
N THR A 250 -15.41 28.07 18.79
CA THR A 250 -16.66 27.80 19.49
C THR A 250 -16.43 27.24 20.88
N LYS A 251 -15.44 26.36 21.02
CA LYS A 251 -15.17 25.85 22.34
C LYS A 251 -14.63 27.00 23.24
N THR A 252 -13.84 27.88 22.69
CA THR A 252 -13.27 28.95 23.47
C THR A 252 -14.26 30.09 23.82
N LYS A 253 -15.32 30.24 23.02
CA LYS A 253 -16.29 31.28 23.28
C LYS A 253 -17.51 30.74 23.95
N GLY A 254 -17.44 29.50 24.41
CA GLY A 254 -18.59 28.89 25.06
C GLY A 254 -19.81 28.65 24.17
N GLN A 255 -19.64 28.66 22.84
CA GLN A 255 -20.74 28.40 21.89
C GLN A 255 -20.95 26.89 21.75
N THR A 256 -21.47 26.31 22.82
CA THR A 256 -21.73 24.89 22.90
C THR A 256 -22.60 24.32 21.80
N GLU A 257 -23.76 24.94 21.56
CA GLU A 257 -24.66 24.48 20.54
C GLU A 257 -24.01 24.41 19.14
N GLN A 258 -23.32 25.49 18.76
CA GLN A 258 -22.62 25.57 17.48
C GLN A 258 -21.47 24.51 17.37
N HIS A 259 -20.66 24.40 18.44
CA HIS A 259 -19.53 23.46 18.48
C HIS A 259 -20.11 22.06 18.13
N ASN A 260 -21.17 21.66 18.84
CA ASN A 260 -21.77 20.37 18.62
C ASN A 260 -22.41 20.20 17.19
N GLU A 261 -23.01 21.26 16.66
CA GLU A 261 -23.67 21.20 15.35
C GLU A 261 -22.63 21.05 14.29
N ILE A 262 -21.48 21.70 14.46
CA ILE A 262 -20.38 21.56 13.48
C ILE A 262 -19.93 20.11 13.54
N LEU A 263 -19.79 19.55 14.74
CA LEU A 263 -19.42 18.16 14.89
C LEU A 263 -20.46 17.23 14.24
N ARG A 264 -21.73 17.48 14.52
CA ARG A 264 -22.80 16.66 13.97
C ARG A 264 -22.85 16.67 12.39
N ILE A 265 -22.66 17.84 11.78
CA ILE A 265 -22.77 17.89 10.32
C ILE A 265 -21.58 17.10 9.76
N LEU A 266 -20.37 17.33 10.31
CA LEU A 266 -19.18 16.56 9.85
C LEU A 266 -19.41 15.09 9.89
N LEU A 267 -20.00 14.62 10.99
CA LEU A 267 -20.26 13.20 11.21
C LEU A 267 -21.35 12.61 10.34
N LEU A 268 -22.25 13.42 9.77
CA LEU A 268 -23.28 12.89 8.91
C LEU A 268 -22.67 12.37 7.58
N ARG A 269 -21.51 12.88 7.17
CA ARG A 269 -20.94 12.50 5.86
C ARG A 269 -22.01 12.74 4.81
N THR A 270 -22.65 13.90 4.88
CA THR A 270 -23.74 14.22 3.97
C THR A 270 -23.35 14.88 2.61
N SER A 271 -24.14 14.54 1.60
CA SER A 271 -23.99 15.13 0.28
C SER A 271 -25.09 16.20 0.14
N ASP A 272 -25.89 16.44 1.19
CA ASP A 272 -26.97 17.44 1.01
C ASP A 272 -26.39 18.83 0.89
N LYS A 273 -26.69 19.49 -0.22
CA LYS A 273 -26.14 20.84 -0.48
C LYS A 273 -26.53 21.92 0.48
N ASP A 274 -27.76 21.86 1.01
CA ASP A 274 -28.14 22.92 1.94
C ASP A 274 -27.50 22.68 3.28
N ILE A 275 -27.30 21.44 3.62
CA ILE A 275 -26.68 21.22 4.92
C ILE A 275 -25.24 21.69 4.82
N LYS A 276 -24.62 21.43 3.69
CA LYS A 276 -23.22 21.88 3.57
C LYS A 276 -23.17 23.38 3.59
N LEU A 277 -24.18 24.02 2.99
CA LEU A 277 -24.19 25.46 2.93
C LEU A 277 -24.42 26.06 4.32
N LYS A 278 -25.28 25.44 5.13
CA LYS A 278 -25.48 25.92 6.50
C LYS A 278 -24.13 25.98 7.25
N LEU A 279 -23.33 24.91 7.13
CA LEU A 279 -22.05 24.86 7.83
C LEU A 279 -21.14 25.98 7.35
N ILE A 280 -21.03 26.12 6.03
CA ILE A 280 -20.24 27.20 5.45
C ILE A 280 -20.74 28.56 5.96
N GLN A 281 -22.04 28.80 6.00
CA GLN A 281 -22.47 30.10 6.52
C GLN A 281 -22.19 30.26 8.00
N ILE A 282 -22.20 29.16 8.78
CA ILE A 282 -21.84 29.25 10.22
C ILE A 282 -20.34 29.70 10.30
N LEU A 283 -19.52 29.07 9.46
CA LEU A 283 -18.11 29.45 9.43
C LEU A 283 -18.02 30.91 8.97
N GLU A 284 -18.92 31.31 8.09
CA GLU A 284 -18.90 32.68 7.57
C GLU A 284 -19.29 33.74 8.59
N PHE A 285 -20.48 33.61 9.19
CA PHE A 285 -20.97 34.62 10.12
C PHE A 285 -20.85 34.37 11.62
N ASP A 286 -20.86 33.11 12.02
CA ASP A 286 -20.84 32.81 13.43
C ASP A 286 -19.45 32.70 14.04
N THR A 287 -18.48 32.11 13.33
CA THR A 287 -17.13 31.94 13.87
C THR A 287 -16.13 32.82 13.11
N ASN A 288 -16.52 33.30 11.95
CA ASN A 288 -15.65 34.15 11.15
C ASN A 288 -14.40 33.39 10.61
N SER A 289 -14.48 32.06 10.69
CA SER A 289 -13.39 31.20 10.21
C SER A 289 -12.99 31.43 8.76
N LEU A 290 -13.89 31.86 7.90
CA LEU A 290 -13.47 32.00 6.52
C LEU A 290 -12.54 33.19 6.40
N ALA A 291 -12.99 34.32 6.97
CA ALA A 291 -12.19 35.56 6.98
C ALA A 291 -10.83 35.31 7.62
N TYR A 292 -10.85 34.65 8.78
CA TYR A 292 -9.65 34.31 9.53
C TYR A 292 -8.66 33.50 8.71
N THR A 293 -9.20 32.54 7.95
CA THR A 293 -8.41 31.67 7.11
C THR A 293 -7.85 32.46 5.91
N LYS A 294 -8.69 33.31 5.31
CA LYS A 294 -8.24 34.10 4.17
C LYS A 294 -7.11 35.03 4.62
N ASN A 295 -7.27 35.60 5.81
CA ASN A 295 -6.28 36.49 6.36
C ASN A 295 -4.99 35.75 6.63
N PHE A 296 -5.11 34.59 7.30
CA PHE A 296 -3.99 33.74 7.66
C PHE A 296 -3.13 33.42 6.45
N ILE A 297 -3.79 33.09 5.34
CA ILE A 297 -3.11 32.79 4.10
C ILE A 297 -2.34 34.01 3.67
N ASN A 298 -3.01 35.16 3.68
CA ASN A 298 -2.37 36.42 3.29
C ASN A 298 -1.10 36.68 4.10
N GLN A 299 -1.21 36.61 5.42
CA GLN A 299 -0.05 36.81 6.27
C GLN A 299 1.13 35.86 5.93
N LEU A 300 0.86 34.58 5.68
CA LEU A 300 1.94 33.64 5.35
C LEU A 300 2.56 34.03 3.99
N VAL A 301 1.72 34.42 3.03
CA VAL A 301 2.21 34.84 1.74
C VAL A 301 3.05 36.10 1.94
N ASN A 302 2.71 36.87 2.96
CA ASN A 302 3.44 38.09 3.27
C ASN A 302 4.86 37.79 3.70
N MET A 303 5.04 36.71 4.47
CA MET A 303 6.35 36.32 4.98
C MET A 303 7.35 36.05 3.85
N ILE A 304 6.86 36.03 2.63
CA ILE A 304 7.70 35.82 1.46
C ILE A 304 7.85 37.15 0.71
N LYS A 305 6.85 38.00 0.83
CA LYS A 305 6.89 39.30 0.19
C LYS A 305 7.69 40.25 1.10
N LYS B 9 6.23 31.86 15.45
CA LYS B 9 5.82 30.43 15.58
C LYS B 9 5.88 29.75 14.21
N ILE B 10 5.60 30.49 13.16
CA ILE B 10 5.67 29.95 11.82
C ILE B 10 7.15 29.64 11.58
N ASP B 11 7.99 30.65 11.78
CA ASP B 11 9.44 30.53 11.60
C ASP B 11 9.95 29.26 12.26
N GLU B 12 9.69 29.10 13.56
CA GLU B 12 10.12 27.89 14.27
C GLU B 12 9.56 26.57 13.68
N LEU B 13 8.38 26.64 13.08
CA LEU B 13 7.73 25.46 12.50
C LEU B 13 8.43 24.98 11.22
N ILE B 14 8.64 25.92 10.28
CA ILE B 14 9.27 25.66 9.00
C ILE B 14 10.83 25.54 9.01
N ASN B 15 11.45 25.74 10.17
CA ASN B 15 12.89 25.66 10.33
C ASN B 15 13.25 24.45 11.18
N ASN B 16 12.27 23.60 11.41
CA ASN B 16 12.50 22.41 12.19
C ASN B 16 11.98 21.26 11.32
N ASP B 17 12.30 20.04 11.68
CA ASP B 17 11.76 18.96 10.90
C ASP B 17 10.30 18.87 11.38
N PRO B 18 9.42 18.28 10.55
CA PRO B 18 8.03 18.18 11.01
C PRO B 18 7.95 17.49 12.35
N VAL B 19 7.00 17.89 13.19
CA VAL B 19 6.92 17.28 14.51
C VAL B 19 6.25 15.92 14.44
N TRP B 20 6.68 15.00 15.29
CA TRP B 20 6.08 13.70 15.36
C TRP B 20 6.31 13.17 16.77
N SER B 21 5.25 13.10 17.58
CA SER B 21 5.42 12.64 18.95
C SER B 21 5.30 11.16 19.02
N SER B 22 5.78 10.59 20.11
CA SER B 22 5.62 9.16 20.22
C SER B 22 4.12 8.88 20.35
N GLN B 23 3.34 9.88 20.75
CA GLN B 23 1.88 9.73 20.90
C GLN B 23 1.24 9.59 19.50
N ASN B 24 1.68 10.43 18.57
CA ASN B 24 1.21 10.33 17.20
C ASN B 24 1.62 8.91 16.68
N GLU B 25 2.90 8.58 16.83
CA GLU B 25 3.37 7.28 16.39
C GLU B 25 2.46 6.18 16.86
N SER B 26 1.96 6.32 18.09
CA SER B 26 1.10 5.29 18.66
C SER B 26 -0.29 5.30 18.08
N LEU B 27 -0.76 6.48 17.69
CA LEU B 27 -2.07 6.58 17.07
C LEU B 27 -2.06 5.85 15.73
N ILE B 28 -1.05 6.12 14.92
CA ILE B 28 -0.97 5.52 13.57
C ILE B 28 -0.70 4.02 13.57
N SER B 29 -0.09 3.53 14.64
CA SER B 29 0.26 2.13 14.72
C SER B 29 -0.82 1.14 15.06
N LYS B 30 -1.95 1.62 15.57
CA LYS B 30 -3.03 0.71 15.97
C LYS B 30 -3.48 -0.39 15.02
N PRO B 31 -3.70 -0.04 13.71
CA PRO B 31 -4.15 -1.14 12.81
C PRO B 31 -3.11 -2.28 12.72
N TYR B 32 -1.87 -1.89 12.81
CA TYR B 32 -0.75 -2.82 12.73
C TYR B 32 -0.57 -3.62 14.03
N ASN B 33 -0.66 -2.93 15.16
CA ASN B 33 -0.50 -3.60 16.46
C ASN B 33 -1.63 -4.56 16.57
N HIS B 34 -2.76 -4.18 16.01
CA HIS B 34 -3.90 -5.06 16.06
C HIS B 34 -3.61 -6.43 15.41
N ILE B 35 -2.97 -6.43 14.23
CA ILE B 35 -2.72 -7.71 13.57
C ILE B 35 -1.52 -8.44 14.24
N LEU B 36 -0.59 -7.65 14.79
CA LEU B 36 0.61 -8.17 15.45
C LEU B 36 0.31 -8.99 16.69
N LEU B 37 -0.82 -8.69 17.32
CA LEU B 37 -1.23 -9.39 18.52
C LEU B 37 -1.97 -10.66 18.21
N LYS B 38 -1.95 -11.13 16.99
CA LYS B 38 -2.67 -12.35 16.73
C LYS B 38 -1.87 -13.50 16.10
N PRO B 39 -0.56 -13.52 16.36
CA PRO B 39 0.44 -14.48 15.88
C PRO B 39 0.28 -15.06 14.51
N GLY B 40 0.89 -16.20 14.31
CA GLY B 40 0.81 -16.84 13.02
C GLY B 40 1.65 -18.00 13.36
N LYS B 41 2.03 -18.74 12.35
CA LYS B 41 2.84 -19.88 12.59
C LYS B 41 4.32 -19.43 12.67
N ASN B 42 4.57 -18.14 12.48
CA ASN B 42 5.94 -17.56 12.54
C ASN B 42 6.83 -18.32 11.52
N PHE B 43 6.16 -18.90 10.54
CA PHE B 43 6.82 -19.70 9.57
C PHE B 43 8.08 -19.02 9.03
N ARG B 44 7.93 -17.82 8.46
CA ARG B 44 9.08 -17.13 7.88
C ARG B 44 10.20 -16.85 8.89
N LEU B 45 9.79 -16.45 10.09
CA LEU B 45 10.75 -16.15 11.14
C LEU B 45 11.54 -17.41 11.47
N ASN B 46 10.85 -18.54 11.60
CA ASN B 46 11.53 -19.79 11.91
C ASN B 46 12.50 -20.20 10.81
N LEU B 47 12.01 -20.12 9.57
CA LEU B 47 12.77 -20.44 8.37
C LEU B 47 14.07 -19.64 8.40
N ILE B 48 13.97 -18.37 8.79
CA ILE B 48 15.14 -17.52 8.87
C ILE B 48 16.26 -18.05 9.81
N VAL B 49 15.86 -18.39 11.03
CA VAL B 49 16.80 -18.90 11.99
C VAL B 49 17.48 -20.16 11.46
N GLN B 50 16.69 -21.05 10.89
CA GLN B 50 17.23 -22.26 10.33
C GLN B 50 18.30 -21.97 9.27
N ILE B 51 17.88 -21.32 8.19
CA ILE B 51 18.77 -21.00 7.08
C ILE B 51 20.02 -20.26 7.53
N ASN B 52 19.90 -19.51 8.61
CA ASN B 52 21.09 -18.86 9.07
C ASN B 52 22.16 -19.90 9.50
N ARG B 53 21.78 -21.14 9.67
CA ARG B 53 22.75 -22.15 10.05
C ARG B 53 23.82 -22.16 8.97
N VAL B 54 23.38 -21.97 7.74
CA VAL B 54 24.33 -21.95 6.67
C VAL B 54 24.75 -20.57 6.22
N MET B 55 23.91 -19.55 6.40
CA MET B 55 24.28 -18.20 5.97
C MET B 55 25.16 -17.50 6.99
N ASN B 56 25.03 -17.88 8.25
CA ASN B 56 25.86 -17.26 9.26
C ASN B 56 25.91 -15.74 9.32
N LEU B 57 24.80 -15.03 9.19
CA LEU B 57 24.89 -13.58 9.33
C LEU B 57 25.12 -13.31 10.83
N PRO B 58 25.72 -12.17 11.17
CA PRO B 58 25.93 -11.84 12.60
C PRO B 58 24.49 -11.63 13.13
N LYS B 59 24.29 -11.92 14.42
CA LYS B 59 22.99 -11.85 15.05
C LYS B 59 22.26 -10.52 14.91
N ASP B 60 22.95 -9.39 14.94
CA ASP B 60 22.22 -8.15 14.78
C ASP B 60 21.59 -8.03 13.38
N GLN B 61 22.35 -8.40 12.33
CA GLN B 61 21.79 -8.28 10.97
C GLN B 61 20.63 -9.27 10.82
N LEU B 62 20.78 -10.45 11.42
CA LEU B 62 19.71 -11.42 11.36
C LEU B 62 18.44 -10.84 12.02
N ALA B 63 18.59 -9.99 13.04
CA ALA B 63 17.40 -9.39 13.74
C ALA B 63 16.74 -8.36 12.80
N ILE B 64 17.58 -7.56 12.16
CA ILE B 64 17.05 -6.59 11.26
C ILE B 64 16.36 -7.29 10.06
N VAL B 65 16.98 -8.32 9.47
CA VAL B 65 16.31 -8.96 8.36
C VAL B 65 14.97 -9.49 8.82
N SER B 66 14.93 -10.11 9.99
CA SER B 66 13.66 -10.63 10.50
C SER B 66 12.57 -9.56 10.66
N GLN B 67 12.97 -8.38 11.14
CA GLN B 67 12.04 -7.28 11.38
C GLN B 67 11.47 -6.72 10.06
N ILE B 68 12.37 -6.50 9.11
CA ILE B 68 11.96 -6.04 7.80
C ILE B 68 10.94 -7.04 7.29
N VAL B 69 11.24 -8.32 7.39
CA VAL B 69 10.31 -9.34 6.87
C VAL B 69 9.01 -9.31 7.65
N GLU B 70 9.10 -9.16 8.96
CA GLU B 70 7.86 -9.16 9.76
C GLU B 70 6.95 -7.99 9.40
N LEU B 71 7.52 -6.81 9.20
CA LEU B 71 6.77 -5.61 8.82
C LEU B 71 6.13 -5.78 7.45
N LEU B 72 6.93 -6.24 6.48
CA LEU B 72 6.43 -6.46 5.10
C LEU B 72 5.27 -7.43 5.11
N HIS B 73 5.48 -8.57 5.74
CA HIS B 73 4.48 -9.60 5.80
C HIS B 73 3.16 -9.15 6.48
N ASN B 74 3.25 -8.63 7.71
CA ASN B 74 2.00 -8.24 8.38
C ASN B 74 1.26 -7.11 7.67
N SER B 75 1.96 -6.09 7.23
CA SER B 75 1.35 -4.98 6.44
C SER B 75 0.73 -5.51 5.12
N SER B 76 1.42 -6.47 4.52
CA SER B 76 0.93 -7.01 3.27
C SER B 76 -0.38 -7.74 3.56
N LEU B 77 -0.48 -8.39 4.72
CA LEU B 77 -1.74 -9.05 5.01
C LEU B 77 -2.84 -8.01 5.34
N LEU B 78 -2.50 -6.87 5.92
CA LEU B 78 -3.53 -5.90 6.26
C LEU B 78 -4.15 -5.41 4.98
N ILE B 79 -3.29 -5.20 4.00
CA ILE B 79 -3.76 -4.69 2.73
C ILE B 79 -4.50 -5.76 1.95
N ASP B 80 -3.98 -6.98 2.00
CA ASP B 80 -4.63 -8.08 1.24
C ASP B 80 -6.05 -8.27 1.79
N ASP B 81 -6.24 -8.13 3.10
CA ASP B 81 -7.57 -8.32 3.66
C ASP B 81 -8.49 -7.21 3.16
N ILE B 82 -8.00 -6.01 3.01
CA ILE B 82 -8.89 -4.96 2.43
C ILE B 82 -9.26 -5.38 0.94
N GLU B 83 -8.27 -5.82 0.17
CA GLU B 83 -8.42 -6.16 -1.27
C GLU B 83 -9.34 -7.32 -1.40
N ASP B 84 -9.37 -8.15 -0.36
CA ASP B 84 -10.18 -9.37 -0.44
C ASP B 84 -11.50 -9.34 0.34
N ASN B 85 -11.85 -8.18 0.89
CA ASN B 85 -13.10 -8.06 1.67
C ASN B 85 -13.15 -9.17 2.75
N ALA B 86 -12.05 -9.36 3.45
CA ALA B 86 -11.93 -10.42 4.46
C ALA B 86 -12.49 -10.04 5.83
N PRO B 87 -13.41 -10.85 6.39
CA PRO B 87 -13.92 -10.45 7.72
C PRO B 87 -13.03 -10.97 8.84
N LEU B 88 -12.22 -11.98 8.58
CA LEU B 88 -11.37 -12.54 9.63
C LEU B 88 -9.95 -12.86 9.16
N ARG B 89 -8.98 -12.60 10.05
CA ARG B 89 -7.58 -12.93 9.81
C ARG B 89 -7.05 -13.49 11.15
N ARG B 90 -6.57 -14.73 11.08
CA ARG B 90 -6.02 -15.39 12.27
C ARG B 90 -7.11 -15.46 13.38
N GLY B 91 -8.31 -15.91 13.02
CA GLY B 91 -9.44 -16.05 13.95
C GLY B 91 -9.95 -14.78 14.66
N GLN B 92 -9.54 -13.60 14.17
CA GLN B 92 -9.90 -12.32 14.76
C GLN B 92 -10.45 -11.32 13.71
N THR B 93 -11.30 -10.37 14.13
CA THR B 93 -11.81 -9.41 13.15
C THR B 93 -10.65 -8.72 12.43
N THR B 94 -10.77 -8.46 11.13
CA THR B 94 -9.67 -7.79 10.39
C THR B 94 -9.56 -6.34 10.80
N SER B 95 -8.34 -5.84 10.77
CA SER B 95 -8.13 -4.47 11.14
C SER B 95 -8.99 -3.43 10.37
N HIS B 96 -9.22 -3.59 9.04
CA HIS B 96 -10.00 -2.55 8.37
C HIS B 96 -11.46 -2.47 8.89
N LEU B 97 -12.02 -3.57 9.39
CA LEU B 97 -13.37 -3.50 9.94
C LEU B 97 -13.39 -2.76 11.30
N ILE B 98 -12.25 -2.65 11.97
CA ILE B 98 -12.22 -1.93 13.26
C ILE B 98 -11.76 -0.46 13.13
N PHE B 99 -10.62 -0.26 12.48
CA PHE B 99 -10.15 1.11 12.39
C PHE B 99 -10.55 1.74 11.06
N GLY B 100 -11.28 1.00 10.21
CA GLY B 100 -11.68 1.50 8.91
C GLY B 100 -10.61 1.23 7.78
N VAL B 101 -11.09 1.13 6.54
CA VAL B 101 -10.18 0.94 5.38
C VAL B 101 -9.13 2.08 5.29
N PRO B 102 -9.54 3.36 5.45
CA PRO B 102 -8.57 4.46 5.36
C PRO B 102 -7.32 4.41 6.27
N SER B 103 -7.51 4.34 7.59
CA SER B 103 -6.34 4.24 8.49
C SER B 103 -5.53 2.98 8.19
N THR B 104 -6.23 1.86 7.99
CA THR B 104 -5.57 0.59 7.77
C THR B 104 -4.64 0.65 6.53
N ILE B 105 -5.12 1.21 5.41
CA ILE B 105 -4.25 1.31 4.23
C ILE B 105 -3.04 2.21 4.56
N ASN B 106 -3.34 3.39 5.07
CA ASN B 106 -2.23 4.28 5.35
C ASN B 106 -1.14 3.71 6.30
N THR B 107 -1.57 3.01 7.35
CA THR B 107 -0.67 2.40 8.31
C THR B 107 0.11 1.24 7.65
N ALA B 108 -0.54 0.41 6.84
CA ALA B 108 0.18 -0.69 6.21
C ALA B 108 1.27 -0.06 5.33
N ASN B 109 0.90 0.96 4.54
CA ASN B 109 1.86 1.59 3.66
C ASN B 109 3.01 2.22 4.46
N TYR B 110 2.65 2.91 5.55
CA TYR B 110 3.64 3.50 6.44
C TYR B 110 4.72 2.43 6.87
N MET B 111 4.24 1.23 7.20
CA MET B 111 5.13 0.16 7.63
C MET B 111 6.04 -0.36 6.48
N TYR B 112 5.56 -0.26 5.23
CA TYR B 112 6.40 -0.68 4.11
C TYR B 112 7.63 0.23 4.13
N PHE B 113 7.39 1.53 4.33
CA PHE B 113 8.46 2.49 4.35
C PHE B 113 9.32 2.43 5.62
N ARG B 114 8.77 1.88 6.69
CA ARG B 114 9.60 1.73 7.90
C ARG B 114 10.46 0.49 7.66
N ALA B 115 9.95 -0.47 6.91
CA ALA B 115 10.77 -1.64 6.57
C ALA B 115 11.91 -1.19 5.65
N MET B 116 11.62 -0.33 4.69
CA MET B 116 12.68 0.18 3.80
C MET B 116 13.79 0.88 4.62
N GLN B 117 13.36 1.69 5.58
CA GLN B 117 14.29 2.44 6.42
C GLN B 117 15.25 1.49 7.14
N LEU B 118 14.76 0.36 7.64
CA LEU B 118 15.63 -0.60 8.28
C LEU B 118 16.72 -1.17 7.31
N VAL B 119 16.50 -1.11 6.01
CA VAL B 119 17.51 -1.64 5.09
C VAL B 119 18.86 -0.97 5.22
N SER B 120 18.88 0.36 5.44
CA SER B 120 20.14 1.05 5.60
C SER B 120 20.77 0.80 6.98
N GLN B 121 20.05 0.10 7.85
CA GLN B 121 20.65 -0.20 9.13
C GLN B 121 21.41 -1.51 9.03
N LEU B 122 21.32 -2.14 7.87
CA LEU B 122 22.02 -3.39 7.66
C LEU B 122 23.49 -3.14 7.37
N THR B 123 23.79 -2.12 6.60
CA THR B 123 25.19 -1.93 6.26
C THR B 123 25.68 -0.55 5.93
N THR B 124 26.93 -0.33 6.29
CA THR B 124 27.59 0.91 6.00
C THR B 124 28.09 0.77 4.57
N LYS B 125 28.82 -0.31 4.30
CA LYS B 125 29.38 -0.59 2.98
C LYS B 125 28.45 -0.19 1.84
N GLU B 126 28.72 0.95 1.24
CA GLU B 126 27.90 1.44 0.13
C GLU B 126 27.77 0.48 -1.06
N PRO B 127 28.77 -0.39 -1.27
CA PRO B 127 28.54 -1.27 -2.43
C PRO B 127 27.43 -2.28 -2.08
N LEU B 128 27.58 -2.93 -0.94
CA LEU B 128 26.62 -3.91 -0.46
C LEU B 128 25.24 -3.29 -0.29
N TYR B 129 25.24 -2.05 0.17
CA TYR B 129 24.01 -1.33 0.43
C TYR B 129 23.16 -1.17 -0.83
N HIS B 130 23.79 -0.88 -1.96
CA HIS B 130 23.10 -0.71 -3.20
C HIS B 130 22.38 -2.00 -3.57
N ASN B 131 23.07 -3.12 -3.45
CA ASN B 131 22.43 -4.37 -3.79
C ASN B 131 21.24 -4.74 -2.89
N LEU B 132 21.32 -4.42 -1.60
CA LEU B 132 20.23 -4.75 -0.63
C LEU B 132 18.97 -3.95 -0.97
N ILE B 133 19.15 -2.66 -1.24
CA ILE B 133 18.04 -1.80 -1.67
C ILE B 133 17.40 -2.37 -2.96
N THR B 134 18.25 -2.79 -3.90
CA THR B 134 17.79 -3.38 -5.16
C THR B 134 16.99 -4.65 -4.89
N ILE B 135 17.48 -5.48 -4.00
CA ILE B 135 16.75 -6.72 -3.63
C ILE B 135 15.37 -6.40 -3.08
N PHE B 136 15.35 -5.49 -2.11
CA PHE B 136 14.11 -5.02 -1.44
C PHE B 136 13.14 -4.48 -2.52
N ASN B 137 13.66 -3.57 -3.38
CA ASN B 137 12.85 -2.91 -4.45
C ASN B 137 12.29 -3.97 -5.39
N GLU B 138 13.15 -4.79 -5.95
CA GLU B 138 12.71 -5.85 -6.88
C GLU B 138 11.66 -6.80 -6.33
N GLU B 139 11.83 -7.32 -5.11
CA GLU B 139 10.79 -8.27 -4.67
C GLU B 139 9.50 -7.55 -4.28
N LEU B 140 9.55 -6.30 -3.86
CA LEU B 140 8.29 -5.61 -3.56
C LEU B 140 7.56 -5.37 -4.92
N ILE B 141 8.33 -5.05 -5.96
CA ILE B 141 7.72 -4.92 -7.31
C ILE B 141 7.10 -6.25 -7.69
N ASN B 142 7.81 -7.35 -7.44
CA ASN B 142 7.25 -8.65 -7.82
C ASN B 142 6.01 -9.03 -7.04
N LEU B 143 6.01 -8.68 -5.76
CA LEU B 143 4.87 -9.00 -4.88
C LEU B 143 3.61 -8.27 -5.44
N HIS B 144 3.80 -7.03 -5.84
CA HIS B 144 2.66 -6.24 -6.34
C HIS B 144 2.20 -6.69 -7.72
N ARG B 145 3.11 -7.27 -8.48
CA ARG B 145 2.70 -7.79 -9.78
C ARG B 145 1.83 -9.02 -9.62
N GLY B 146 2.25 -9.92 -8.72
CA GLY B 146 1.46 -11.17 -8.54
C GLY B 146 0.08 -10.86 -7.95
N GLN B 147 0.09 -9.96 -6.99
CA GLN B 147 -1.13 -9.51 -6.30
C GLN B 147 -2.05 -8.80 -7.34
N GLY B 148 -1.43 -7.98 -8.20
CA GLY B 148 -2.26 -7.28 -9.21
C GLY B 148 -2.90 -8.28 -10.17
N LEU B 149 -2.21 -9.37 -10.49
CA LEU B 149 -2.79 -10.37 -11.41
C LEU B 149 -3.92 -11.18 -10.71
N ASP B 150 -3.67 -11.55 -9.46
CA ASP B 150 -4.65 -12.32 -8.69
C ASP B 150 -5.93 -11.46 -8.62
N ILE B 151 -5.76 -10.20 -8.28
CA ILE B 151 -6.91 -9.27 -8.16
C ILE B 151 -7.58 -9.05 -9.54
N TYR B 152 -6.75 -8.86 -10.57
CA TYR B 152 -7.32 -8.62 -11.89
C TYR B 152 -8.16 -9.78 -12.35
N TRP B 153 -7.66 -11.01 -12.22
CA TRP B 153 -8.45 -12.14 -12.71
C TRP B 153 -9.75 -12.25 -11.94
N ARG B 154 -9.67 -11.96 -10.63
CA ARG B 154 -10.86 -12.12 -9.83
C ARG B 154 -11.92 -11.04 -10.18
N ASP B 155 -11.48 -9.80 -10.26
CA ASP B 155 -12.40 -8.71 -10.51
C ASP B 155 -12.83 -8.52 -11.96
N PHE B 156 -12.14 -9.16 -12.92
CA PHE B 156 -12.53 -9.03 -14.32
C PHE B 156 -13.17 -10.31 -14.75
N LEU B 157 -13.24 -11.32 -13.87
CA LEU B 157 -13.92 -12.60 -14.20
C LEU B 157 -15.33 -12.33 -14.67
N PRO B 158 -15.78 -13.02 -15.71
CA PRO B 158 -15.11 -14.04 -16.50
C PRO B 158 -14.35 -13.59 -17.71
N GLU B 159 -13.71 -12.41 -17.69
CA GLU B 159 -12.96 -11.98 -18.85
C GLU B 159 -11.76 -12.92 -19.16
N ILE B 160 -11.01 -13.30 -18.13
CA ILE B 160 -9.82 -14.14 -18.31
C ILE B 160 -9.83 -15.29 -17.32
N ILE B 161 -9.79 -16.50 -17.83
CA ILE B 161 -9.75 -17.68 -16.98
C ILE B 161 -8.32 -18.10 -17.06
N PRO B 162 -7.59 -17.95 -15.96
CA PRO B 162 -6.17 -18.33 -16.03
C PRO B 162 -5.89 -19.79 -16.21
N THR B 163 -4.80 -20.11 -16.92
CA THR B 163 -4.40 -21.51 -17.07
C THR B 163 -3.60 -21.85 -15.82
N GLN B 164 -3.28 -23.13 -15.68
CA GLN B 164 -2.46 -23.57 -14.53
C GLN B 164 -1.11 -22.87 -14.63
N GLU B 165 -0.58 -22.77 -15.84
CA GLU B 165 0.72 -22.09 -15.99
C GLU B 165 0.68 -20.64 -15.55
N MET B 166 -0.35 -19.89 -15.99
CA MET B 166 -0.52 -18.47 -15.58
C MET B 166 -0.61 -18.38 -14.05
N TYR B 167 -1.41 -19.25 -13.45
CA TYR B 167 -1.53 -19.27 -12.00
C TYR B 167 -0.18 -19.41 -11.31
N LEU B 168 0.66 -20.35 -11.82
CA LEU B 168 1.96 -20.59 -11.22
C LEU B 168 2.87 -19.40 -11.34
N ASN B 169 2.80 -18.72 -12.49
CA ASN B 169 3.60 -17.47 -12.66
C ASN B 169 3.08 -16.41 -11.69
N MET B 170 1.77 -16.28 -11.54
CA MET B 170 1.20 -15.30 -10.60
C MET B 170 1.72 -15.59 -9.16
N VAL B 171 1.70 -16.89 -8.75
CA VAL B 171 2.22 -17.29 -7.42
C VAL B 171 3.75 -17.03 -7.23
N MET B 172 4.55 -17.27 -8.25
CA MET B 172 6.00 -17.01 -8.15
C MET B 172 6.21 -15.52 -7.80
N ASN B 173 5.40 -14.64 -8.41
CA ASN B 173 5.45 -13.20 -8.11
C ASN B 173 4.86 -12.93 -6.71
N LYS B 174 3.58 -13.29 -6.52
CA LYS B 174 2.87 -12.99 -5.29
C LYS B 174 3.38 -13.57 -3.97
N THR B 175 3.58 -14.87 -3.92
CA THR B 175 3.99 -15.48 -2.67
C THR B 175 5.48 -15.70 -2.65
N GLY B 176 6.04 -15.94 -3.83
CA GLY B 176 7.48 -16.13 -3.95
C GLY B 176 8.24 -14.84 -3.61
N GLY B 177 7.55 -13.69 -3.73
CA GLY B 177 8.20 -12.43 -3.51
C GLY B 177 8.87 -12.21 -2.16
N LEU B 178 8.14 -12.46 -1.06
CA LEU B 178 8.69 -12.21 0.26
C LEU B 178 9.63 -13.35 0.62
N PHE B 179 9.35 -14.58 0.14
CA PHE B 179 10.29 -15.71 0.36
C PHE B 179 11.64 -15.41 -0.29
N ARG B 180 11.60 -14.89 -1.52
CA ARG B 180 12.85 -14.52 -2.23
C ARG B 180 13.47 -13.30 -1.59
N LEU B 181 12.65 -12.37 -1.10
CA LEU B 181 13.27 -11.20 -0.49
C LEU B 181 14.09 -11.65 0.73
N THR B 182 13.52 -12.58 1.50
CA THR B 182 14.21 -13.08 2.70
C THR B 182 15.52 -13.76 2.34
N LEU B 183 15.44 -14.74 1.48
CA LEU B 183 16.64 -15.45 1.10
C LEU B 183 17.70 -14.56 0.45
N ARG B 184 17.30 -13.74 -0.49
CA ARG B 184 18.31 -12.94 -1.18
C ARG B 184 19.02 -11.98 -0.26
N LEU B 185 18.30 -11.32 0.67
CA LEU B 185 18.99 -10.40 1.61
C LEU B 185 20.06 -11.15 2.39
N MET B 186 19.73 -12.37 2.79
CA MET B 186 20.65 -13.22 3.56
C MET B 186 21.84 -13.75 2.73
N GLU B 187 21.59 -14.24 1.51
CA GLU B 187 22.72 -14.69 0.65
C GLU B 187 23.61 -13.47 0.38
N ALA B 188 23.03 -12.30 0.25
CA ALA B 188 23.85 -11.11 0.05
C ALA B 188 24.62 -10.68 1.30
N LEU B 189 24.08 -10.95 2.49
CA LEU B 189 24.81 -10.51 3.71
C LEU B 189 25.74 -11.60 4.25
N SER B 190 25.58 -12.80 3.72
CA SER B 190 26.38 -13.90 4.21
C SER B 190 27.89 -13.73 4.06
N PRO B 191 28.63 -13.94 5.15
CA PRO B 191 30.10 -13.81 5.15
C PRO B 191 30.60 -15.17 4.71
N SER B 192 29.70 -16.14 4.78
CA SER B 192 29.94 -17.51 4.42
C SER B 192 30.18 -17.67 2.92
N SER B 193 31.10 -18.55 2.58
CA SER B 193 31.38 -18.83 1.19
C SER B 193 30.83 -20.25 0.96
N HIS B 197 25.85 -23.39 -4.14
CA HIS B 197 24.81 -22.79 -5.03
C HIS B 197 23.87 -21.86 -4.26
N SER B 198 22.68 -21.61 -4.81
CA SER B 198 21.70 -20.73 -4.18
C SER B 198 20.48 -21.55 -3.77
N LEU B 199 19.78 -21.02 -2.78
CA LEU B 199 18.57 -21.64 -2.28
C LEU B 199 17.29 -20.98 -2.89
N VAL B 200 17.49 -20.02 -3.77
CA VAL B 200 16.33 -19.37 -4.40
C VAL B 200 15.41 -20.37 -5.09
N PRO B 201 15.96 -21.35 -5.83
CA PRO B 201 15.00 -22.27 -6.49
C PRO B 201 14.19 -23.03 -5.44
N PHE B 202 14.90 -23.41 -4.39
CA PHE B 202 14.25 -24.12 -3.33
C PHE B 202 13.19 -23.21 -2.68
N ILE B 203 13.56 -21.99 -2.35
CA ILE B 203 12.60 -21.11 -1.74
C ILE B 203 11.40 -20.79 -2.68
N ASN B 204 11.61 -20.84 -4.01
CA ASN B 204 10.52 -20.58 -4.97
C ASN B 204 9.55 -21.77 -4.88
N LEU B 205 10.06 -23.01 -4.88
CA LEU B 205 9.17 -24.19 -4.78
C LEU B 205 8.36 -24.15 -3.46
N LEU B 206 9.02 -23.80 -2.39
CA LEU B 206 8.37 -23.70 -1.08
C LEU B 206 7.17 -22.71 -1.20
N GLY B 207 7.47 -21.53 -1.75
CA GLY B 207 6.47 -20.51 -1.93
C GLY B 207 5.28 -21.03 -2.69
N ILE B 208 5.54 -21.78 -3.77
CA ILE B 208 4.48 -22.32 -4.57
C ILE B 208 3.68 -23.35 -3.77
N ILE B 209 4.38 -24.23 -3.06
CA ILE B 209 3.68 -25.24 -2.25
C ILE B 209 2.82 -24.55 -1.23
N TYR B 210 3.42 -23.58 -0.58
CA TYR B 210 2.78 -22.82 0.48
C TYR B 210 1.46 -22.17 0.05
N GLN B 211 1.45 -21.62 -1.19
CA GLN B 211 0.25 -20.94 -1.70
C GLN B 211 -0.82 -21.96 -2.15
N ILE B 212 -0.42 -23.02 -2.83
CA ILE B 212 -1.42 -23.99 -3.24
C ILE B 212 -2.10 -24.68 -2.00
N ARG B 213 -1.29 -24.87 -0.99
CA ARG B 213 -1.74 -25.46 0.26
C ARG B 213 -2.74 -24.51 0.98
N ASP B 214 -2.45 -23.22 0.98
CA ASP B 214 -3.35 -22.19 1.54
C ASP B 214 -4.68 -22.34 0.78
N ASP B 215 -4.65 -22.33 -0.55
CA ASP B 215 -5.85 -22.43 -1.35
C ASP B 215 -6.59 -23.75 -1.05
N TYR B 216 -5.83 -24.84 -0.91
CA TYR B 216 -6.41 -26.14 -0.58
C TYR B 216 -7.09 -26.15 0.81
N LEU B 217 -6.37 -25.68 1.82
CA LEU B 217 -6.90 -25.68 3.17
C LEU B 217 -8.15 -24.80 3.38
N ASN B 218 -8.24 -23.67 2.64
CA ASN B 218 -9.38 -22.80 2.78
C ASN B 218 -10.67 -23.50 2.36
N LEU B 219 -10.60 -24.48 1.45
CA LEU B 219 -11.79 -25.24 1.02
C LEU B 219 -11.99 -26.60 1.75
N LYS B 220 -10.88 -27.28 2.06
CA LYS B 220 -10.89 -28.60 2.72
C LYS B 220 -11.40 -28.61 4.17
N ASP B 221 -10.95 -27.65 4.98
CA ASP B 221 -11.37 -27.54 6.38
C ASP B 221 -12.89 -27.28 6.53
N PHE B 222 -13.51 -26.85 5.44
CA PHE B 222 -14.94 -26.55 5.32
C PHE B 222 -15.58 -27.88 4.89
N GLN B 223 -15.17 -28.34 3.71
CA GLN B 223 -15.66 -29.61 3.16
C GLN B 223 -15.48 -30.72 4.18
N PHE B 230 -14.30 -21.08 6.59
CA PHE B 230 -15.67 -20.75 6.13
C PHE B 230 -15.63 -20.71 4.63
N ALA B 231 -14.58 -21.32 4.07
CA ALA B 231 -14.35 -21.31 2.63
C ALA B 231 -14.57 -19.87 2.08
N GLU B 232 -13.96 -18.89 2.74
CA GLU B 232 -14.07 -17.49 2.33
C GLU B 232 -13.59 -17.25 0.87
N ASP B 233 -12.71 -18.12 0.37
CA ASP B 233 -12.21 -17.94 -0.99
C ASP B 233 -13.35 -17.95 -2.04
N ILE B 234 -14.42 -18.67 -1.71
CA ILE B 234 -15.57 -18.80 -2.58
C ILE B 234 -16.28 -17.44 -2.61
N THR B 235 -16.57 -16.90 -1.42
CA THR B 235 -17.21 -15.59 -1.23
C THR B 235 -16.37 -14.52 -2.02
N GLU B 236 -15.06 -14.58 -1.84
CA GLU B 236 -14.15 -13.68 -2.53
C GLU B 236 -14.21 -13.83 -4.07
N GLY B 237 -14.49 -15.03 -4.57
CA GLY B 237 -14.53 -15.27 -6.00
C GLY B 237 -13.12 -15.49 -6.57
N LYS B 238 -12.18 -15.86 -5.68
CA LYS B 238 -10.76 -16.07 -5.99
C LYS B 238 -10.43 -17.18 -6.99
N LEU B 239 -9.48 -16.92 -7.89
CA LEU B 239 -9.10 -17.95 -8.85
C LEU B 239 -8.04 -18.79 -8.10
N SER B 240 -8.48 -19.61 -7.13
CA SER B 240 -7.51 -20.42 -6.34
C SER B 240 -7.08 -21.63 -7.19
N PHE B 241 -6.03 -22.34 -6.75
CA PHE B 241 -5.55 -23.49 -7.57
C PHE B 241 -6.65 -24.53 -7.93
N PRO B 242 -7.38 -25.02 -6.93
CA PRO B 242 -8.45 -26.01 -7.20
C PRO B 242 -9.46 -25.42 -8.21
N ILE B 243 -9.85 -24.18 -7.96
CA ILE B 243 -10.82 -23.53 -8.85
C ILE B 243 -10.22 -23.39 -10.26
N VAL B 244 -8.95 -23.00 -10.36
CA VAL B 244 -8.37 -22.89 -11.70
C VAL B 244 -8.41 -24.26 -12.38
N HIS B 245 -8.17 -25.32 -11.60
CA HIS B 245 -8.21 -26.64 -12.15
C HIS B 245 -9.62 -27.00 -12.63
N ALA B 246 -10.61 -26.75 -11.79
CA ALA B 246 -11.97 -27.08 -12.16
C ALA B 246 -12.45 -26.37 -13.45
N LEU B 247 -12.12 -25.08 -13.59
CA LEU B 247 -12.56 -24.30 -14.75
C LEU B 247 -11.85 -24.71 -16.01
N ASN B 248 -10.55 -25.01 -15.91
CA ASN B 248 -9.82 -25.43 -17.11
C ASN B 248 -10.20 -26.85 -17.55
N PHE B 249 -10.58 -27.67 -16.57
CA PHE B 249 -11.01 -29.04 -16.77
C PHE B 249 -12.38 -29.02 -17.51
N THR B 250 -13.43 -28.59 -16.80
CA THR B 250 -14.77 -28.49 -17.39
C THR B 250 -14.60 -27.88 -18.78
N LYS B 251 -13.76 -26.86 -18.90
CA LYS B 251 -13.52 -26.25 -20.20
C LYS B 251 -12.97 -27.23 -21.24
N THR B 252 -11.95 -27.99 -20.87
CA THR B 252 -11.29 -28.95 -21.78
C THR B 252 -12.16 -30.08 -22.29
N LYS B 253 -13.05 -30.55 -21.41
CA LYS B 253 -13.97 -31.64 -21.73
C LYS B 253 -15.35 -31.08 -22.09
N GLY B 254 -15.35 -29.94 -22.78
CA GLY B 254 -16.59 -29.31 -23.18
C GLY B 254 -17.74 -29.39 -22.20
N GLN B 255 -17.45 -29.48 -20.92
CA GLN B 255 -18.50 -29.54 -19.91
C GLN B 255 -19.09 -28.15 -19.65
N THR B 256 -19.68 -27.58 -20.69
CA THR B 256 -20.30 -26.27 -20.66
C THR B 256 -21.07 -25.93 -19.38
N GLU B 257 -22.11 -26.71 -19.09
CA GLU B 257 -22.92 -26.44 -17.93
C GLU B 257 -22.21 -26.37 -16.57
N GLN B 258 -21.28 -27.29 -16.27
CA GLN B 258 -20.61 -27.27 -14.96
C GLN B 258 -19.65 -26.09 -14.86
N HIS B 259 -19.03 -25.78 -16.00
CA HIS B 259 -18.11 -24.66 -16.12
C HIS B 259 -18.86 -23.36 -15.79
N ASN B 260 -20.02 -23.19 -16.44
CA ASN B 260 -20.82 -22.03 -16.18
C ASN B 260 -21.29 -21.98 -14.77
N GLU B 261 -21.63 -23.12 -14.20
CA GLU B 261 -22.10 -23.06 -12.84
C GLU B 261 -21.00 -22.63 -11.88
N ILE B 262 -19.77 -23.10 -12.13
CA ILE B 262 -18.64 -22.75 -11.27
C ILE B 262 -18.55 -21.23 -11.36
N LEU B 263 -18.59 -20.73 -12.59
CA LEU B 263 -18.54 -19.28 -12.80
C LEU B 263 -19.67 -18.52 -12.12
N ARG B 264 -20.89 -19.05 -12.11
CA ARG B 264 -22.03 -18.36 -11.45
C ARG B 264 -21.87 -18.29 -9.97
N ILE B 265 -21.43 -19.38 -9.37
CA ILE B 265 -21.25 -19.31 -7.93
C ILE B 265 -20.11 -18.34 -7.55
N LEU B 266 -18.98 -18.40 -8.25
CA LEU B 266 -17.88 -17.46 -7.92
C LEU B 266 -18.38 -16.00 -8.06
N LEU B 267 -19.19 -15.75 -9.07
CA LEU B 267 -19.71 -14.38 -9.31
C LEU B 267 -20.76 -13.92 -8.31
N LEU B 268 -21.37 -14.85 -7.56
CA LEU B 268 -22.38 -14.43 -6.59
C LEU B 268 -21.78 -13.72 -5.41
N ARG B 269 -20.49 -13.97 -5.14
CA ARG B 269 -19.83 -13.43 -3.94
C ARG B 269 -20.70 -13.81 -2.74
N THR B 270 -21.20 -15.02 -2.79
CA THR B 270 -22.10 -15.47 -1.74
C THR B 270 -21.51 -15.90 -0.38
N SER B 271 -22.24 -15.58 0.68
CA SER B 271 -21.91 -15.98 2.05
C SER B 271 -22.81 -17.17 2.46
N ASP B 272 -23.53 -17.73 1.50
CA ASP B 272 -24.47 -18.83 1.71
C ASP B 272 -23.75 -20.17 1.93
N LYS B 273 -23.87 -20.71 3.16
CA LYS B 273 -23.24 -21.98 3.51
C LYS B 273 -23.56 -23.07 2.49
N ASP B 274 -24.83 -23.18 2.13
CA ASP B 274 -25.22 -24.22 1.20
C ASP B 274 -24.72 -24.05 -0.22
N ILE B 275 -24.63 -22.80 -0.69
CA ILE B 275 -24.14 -22.59 -2.06
C ILE B 275 -22.65 -22.88 -2.06
N LYS B 276 -21.97 -22.45 -1.01
CA LYS B 276 -20.53 -22.70 -0.92
C LYS B 276 -20.36 -24.19 -0.93
N LEU B 277 -21.21 -24.91 -0.17
CA LEU B 277 -21.15 -26.38 -0.14
C LEU B 277 -21.34 -26.99 -1.51
N LYS B 278 -22.28 -26.45 -2.27
CA LYS B 278 -22.55 -26.98 -3.61
C LYS B 278 -21.32 -26.94 -4.51
N LEU B 279 -20.64 -25.78 -4.56
CA LEU B 279 -19.44 -25.66 -5.40
C LEU B 279 -18.35 -26.63 -4.89
N ILE B 280 -18.15 -26.74 -3.58
CA ILE B 280 -17.13 -27.66 -3.06
C ILE B 280 -17.48 -29.07 -3.54
N GLN B 281 -18.77 -29.38 -3.51
CA GLN B 281 -19.26 -30.69 -3.96
C GLN B 281 -18.87 -30.97 -5.42
N ILE B 282 -18.99 -29.95 -6.27
CA ILE B 282 -18.68 -30.05 -7.70
C ILE B 282 -17.20 -30.32 -7.96
N LEU B 283 -16.36 -29.70 -7.15
CA LEU B 283 -14.91 -29.82 -7.27
C LEU B 283 -14.49 -31.18 -6.70
N GLU B 284 -15.24 -31.63 -5.70
CA GLU B 284 -14.94 -32.89 -5.07
C GLU B 284 -15.44 -34.01 -5.97
N PHE B 285 -16.71 -33.98 -6.34
CA PHE B 285 -17.29 -35.05 -7.16
C PHE B 285 -17.35 -34.94 -8.68
N ASP B 286 -17.08 -33.77 -9.26
CA ASP B 286 -17.21 -33.67 -10.70
C ASP B 286 -15.94 -33.42 -11.48
N THR B 287 -15.09 -32.55 -10.96
CA THR B 287 -13.85 -32.27 -11.65
C THR B 287 -12.78 -33.00 -10.86
N ASN B 288 -13.07 -33.27 -9.58
CA ASN B 288 -12.12 -33.93 -8.72
C ASN B 288 -10.86 -33.06 -8.56
N SER B 289 -11.10 -31.79 -8.25
CA SER B 289 -10.02 -30.81 -8.10
C SER B 289 -9.35 -30.84 -6.79
N LEU B 290 -10.05 -31.30 -5.76
CA LEU B 290 -9.43 -31.32 -4.45
C LEU B 290 -8.34 -32.36 -4.41
N ALA B 291 -8.64 -33.54 -4.91
CA ALA B 291 -7.68 -34.61 -4.92
C ALA B 291 -6.60 -34.23 -5.94
N TYR B 292 -6.98 -33.55 -7.00
CA TYR B 292 -5.99 -33.14 -7.99
C TYR B 292 -5.01 -32.20 -7.34
N THR B 293 -5.51 -31.31 -6.48
CA THR B 293 -4.62 -30.39 -5.82
C THR B 293 -3.74 -31.07 -4.76
N LYS B 294 -4.33 -32.01 -4.01
CA LYS B 294 -3.62 -32.74 -2.96
C LYS B 294 -2.47 -33.50 -3.62
N ASN B 295 -2.74 -34.13 -4.76
CA ASN B 295 -1.71 -34.87 -5.46
C ASN B 295 -0.67 -33.93 -6.07
N PHE B 296 -1.11 -32.77 -6.58
CA PHE B 296 -0.16 -31.78 -7.14
C PHE B 296 0.78 -31.35 -6.02
N ILE B 297 0.26 -31.11 -4.82
CA ILE B 297 1.13 -30.69 -3.74
C ILE B 297 2.16 -31.77 -3.36
N ASN B 298 1.69 -33.02 -3.31
CA ASN B 298 2.59 -34.11 -2.96
C ASN B 298 3.72 -34.19 -4.00
N GLN B 299 3.40 -34.10 -5.29
CA GLN B 299 4.45 -34.16 -6.32
C GLN B 299 5.51 -33.07 -6.23
N LEU B 300 5.11 -31.87 -5.81
CA LEU B 300 6.06 -30.77 -5.69
C LEU B 300 6.97 -31.05 -4.49
N VAL B 301 6.39 -31.69 -3.49
CA VAL B 301 7.15 -32.05 -2.32
C VAL B 301 8.10 -33.20 -2.67
N ASN B 302 7.64 -34.09 -3.54
CA ASN B 302 8.48 -35.20 -3.94
C ASN B 302 9.70 -34.69 -4.68
N MET B 303 9.53 -33.67 -5.50
CA MET B 303 10.67 -33.15 -6.23
C MET B 303 11.80 -32.80 -5.25
N ILE B 304 11.45 -32.15 -4.15
CA ILE B 304 12.41 -31.76 -3.12
C ILE B 304 12.93 -32.92 -2.27
N LYS B 305 12.01 -33.65 -1.65
CA LYS B 305 12.34 -34.78 -0.78
C LYS B 305 12.93 -35.99 -1.55
N ASN B 306 12.96 -35.90 -2.87
CA ASN B 306 13.43 -36.99 -3.69
C ASN B 306 14.51 -36.46 -4.64
N ASP B 307 15.27 -35.50 -4.12
CA ASP B 307 16.37 -34.87 -4.85
C ASP B 307 17.65 -35.12 -4.07
N ASP B 328 19.13 -30.14 6.02
CA ASP B 328 18.08 -31.18 6.19
C ASP B 328 16.91 -30.77 7.06
N GLU B 329 17.11 -29.81 7.94
CA GLU B 329 16.02 -29.33 8.78
C GLU B 329 14.94 -28.92 7.77
N LEU B 330 15.41 -28.38 6.65
CA LEU B 330 14.58 -27.92 5.55
C LEU B 330 13.77 -29.04 4.97
N LEU B 331 14.38 -30.22 4.93
CA LEU B 331 13.70 -31.38 4.40
C LEU B 331 12.47 -31.70 5.23
N TYR B 332 12.56 -31.52 6.55
CA TYR B 332 11.39 -31.80 7.37
C TYR B 332 10.31 -30.78 7.08
N ILE B 333 10.63 -29.51 7.35
CA ILE B 333 9.72 -28.40 7.14
C ILE B 333 8.72 -28.62 6.01
N ILE B 334 9.20 -28.99 4.82
CA ILE B 334 8.29 -29.20 3.70
C ILE B 334 7.36 -30.38 3.90
N ASP B 335 7.93 -31.52 4.27
CA ASP B 335 7.16 -32.73 4.54
C ASP B 335 5.98 -32.35 5.44
N HIS B 336 6.24 -31.45 6.38
CA HIS B 336 5.25 -30.92 7.30
C HIS B 336 4.08 -30.29 6.50
N LEU B 337 4.41 -29.76 5.33
CA LEU B 337 3.45 -29.11 4.46
C LEU B 337 2.65 -30.07 3.57
N SER B 338 3.11 -31.32 3.46
CA SER B 338 2.43 -32.33 2.63
C SER B 338 1.07 -32.67 3.25
MG MG C . -8.20 14.04 -0.31
MG MG D . -6.88 13.33 2.23
C1 IPE E . -2.88 17.66 -4.60
O1 IPE E . -2.85 19.04 -4.95
C2 IPE E . -3.14 17.54 -3.10
C3 IPE E . -2.05 18.26 -2.31
C4 IPE E . -0.60 18.25 -2.79
C5 IPE E . -2.39 18.94 -1.14
PA IPE E . -2.77 19.48 -6.50
O1A IPE E . -3.96 20.54 -6.71
O2A IPE E . -1.44 20.01 -6.86
O3A IPE E . -3.19 18.17 -7.34
PB IPE E . -3.18 18.11 -8.94
O1B IPE E . -4.61 17.52 -9.39
O2B IPE E . -3.12 19.64 -9.46
O3B IPE E . -2.06 17.31 -9.49
C1 IPE F . -3.61 14.91 -0.07
O1 IPE F . -4.45 15.23 1.04
C2 IPE F . -2.17 15.08 0.41
C3 IPE F . -1.17 14.37 -0.49
C4 IPE F . -0.44 15.13 -1.61
C5 IPE F . -0.89 13.03 -0.27
PA IPE F . -5.85 16.01 0.86
O1A IPE F . -6.98 14.86 0.93
O2A IPE F . -5.95 17.07 1.89
O3A IPE F . -5.75 16.53 -0.65
PB IPE F . -6.97 16.77 -1.66
O1B IPE F . -6.25 16.95 -3.09
O2B IPE F . -7.86 15.42 -1.73
O3B IPE F . -7.75 17.97 -1.29
MG MG G . -6.44 -12.75 0.88
MG MG H . -5.33 -11.89 -1.74
C1 IPE I . -0.78 -16.16 4.73
O1 IPE I . 0.50 -16.42 5.30
C2 IPE I . -0.59 -15.43 3.40
C3 IPE I . 0.22 -16.30 2.44
C4 IPE I . -0.32 -17.67 2.00
C5 IPE I . 1.45 -15.84 1.97
PA IPE I . 0.64 -17.23 6.69
O1A IPE I . -0.41 -18.44 6.60
O2A IPE I . 2.02 -17.70 6.93
O3A IPE I . 0.07 -16.16 7.75
PB IPE I . 0.39 -16.17 9.33
O1B IPE I . -0.99 -15.80 10.04
O2B IPE I . 0.76 -17.69 9.73
O3B IPE I . 1.45 -15.20 9.69
C1 IPE J . -1.23 -13.72 -0.14
O1 IPE J . -2.54 -13.30 -0.54
C2 IPE J . -0.11 -12.84 -0.72
C3 IPE J . 0.08 -11.54 0.07
C4 IPE J . -0.74 -11.28 1.32
C5 IPE J . 1.00 -10.59 -0.36
PA IPE J . -3.76 -14.33 -0.38
O1A IPE J . -5.14 -13.52 -0.30
O2A IPE J . -3.85 -15.38 -1.42
O3A IPE J . -3.45 -14.92 1.10
PB IPE J . -4.56 -15.33 2.19
O1B IPE J . -3.73 -15.40 3.56
O2B IPE J . -5.60 -14.12 2.36
O3B IPE J . -5.23 -16.60 1.84
#